data_5W0C
#
_entry.id   5W0C
#
_cell.length_a   91.394
_cell.length_b   91.394
_cell.length_c   169.225
_cell.angle_alpha   90.00
_cell.angle_beta   90.00
_cell.angle_gamma   120.00
#
_symmetry.space_group_name_H-M   'H 3'
#
loop_
_entity.id
_entity.type
_entity.pdbx_description
1 polymer 'Cytochrome P450 2C9'
2 non-polymer 'PROTOPORPHYRIN IX CONTAINING FE'
3 non-polymer 'ethyl {2-[([1,3]thiazolo[4,5-c]pyridine-2-carbonyl)amino]thiophene-3-carbonyl}carbamate'
4 non-polymer GLYCEROL
5 water water
#
_entity_poly.entity_id   1
_entity_poly.type   'polypeptide(L)'
_entity_poly.pdbx_seq_one_letter_code
;MAKKTSSGRGKLPPGPTPLPVIGNILQIGIKDISKSLTNLSKVYGPVFTLYFGLKPIVVLHGYEAVKEALIDLGEEFSGR
GIFPLAERANRGFGIVFSNGKKWKEIRRFSLMTLRNFGMGKRSIEDRVQEEARCLVEELRKTKASPCDPTFILGCAPCNV
ICSIIFHKRFDYKDQQFLNLMEKLNENIKILSSPWIQICNNFSPIIDYFPGTHNKLLKNVAFMKSYILEKVKEHQESMDM
NNPQDFIDCFLMKMEKEKHNQPSEFTIESLENTAVDLFGAGTETTSTTLRYALLLLLKHPEVTAKVQEEIERVIGRNRSP
CMQDRSHMPYTDAVVHEVQRYIDLLPTSLPHAVTCDIKFRNYLIPKGTTILISLTSVLHDNKEFPNPEMFDPHHFLDEGG
NFKKSKYFMPFSAGKRICVGEALAGMELFLFLTSILQNFNLKSLVDPKNLDTTPVVNGFASVPPFYQLCFIPIHHHH
;
_entity_poly.pdbx_strand_id   A
#
# COMPACT_ATOMS: atom_id res chain seq x y z
N GLY A 10 -24.02 34.82 33.93
CA GLY A 10 -23.10 35.20 32.87
C GLY A 10 -23.35 36.57 32.26
N LYS A 11 -22.46 37.53 32.56
CA LYS A 11 -22.54 38.90 32.04
C LYS A 11 -21.11 39.36 31.76
N LEU A 12 -20.66 39.11 30.55
CA LEU A 12 -19.31 39.44 30.15
C LEU A 12 -19.21 40.94 29.87
N PRO A 13 -18.00 41.49 29.96
CA PRO A 13 -17.80 42.91 29.65
C PRO A 13 -18.19 43.22 28.23
N PRO A 14 -18.48 44.48 27.91
CA PRO A 14 -18.84 44.83 26.54
C PRO A 14 -17.67 44.69 25.59
N GLY A 15 -17.94 44.81 24.30
CA GLY A 15 -16.90 44.71 23.32
C GLY A 15 -17.39 44.86 21.90
N PRO A 16 -16.49 44.73 20.93
CA PRO A 16 -16.88 44.90 19.53
C PRO A 16 -17.80 43.78 19.06
N THR A 17 -18.40 44.00 17.88
CA THR A 17 -19.22 42.95 17.28
C THR A 17 -18.35 41.73 16.95
N PRO A 18 -18.92 40.53 17.03
CA PRO A 18 -18.10 39.31 16.93
C PRO A 18 -17.19 39.29 15.71
N LEU A 19 -16.01 38.68 15.91
CA LEU A 19 -14.93 38.51 14.94
C LEU A 19 -15.04 37.12 14.33
N PRO A 20 -14.21 36.78 13.34
CA PRO A 20 -14.25 35.43 12.78
C PRO A 20 -13.95 34.35 13.82
N VAL A 21 -14.17 33.09 13.41
CA VAL A 21 -14.05 31.95 14.31
C VAL A 21 -12.59 31.60 14.52
N ILE A 22 -12.22 31.31 15.77
CA ILE A 22 -10.83 31.04 16.15
C ILE A 22 -10.61 29.55 16.29
N GLY A 23 -9.48 29.07 15.76
CA GLY A 23 -9.02 27.71 16.01
C GLY A 23 -9.96 26.59 15.65
N ASN A 24 -10.72 26.74 14.56
CA ASN A 24 -11.65 25.71 14.13
C ASN A 24 -11.54 25.49 12.62
N ILE A 25 -10.31 25.40 12.13
CA ILE A 25 -10.02 25.02 10.75
C ILE A 25 -9.34 23.66 10.79
N LEU A 26 -9.84 22.72 9.99
CA LEU A 26 -9.61 21.30 10.22
C LEU A 26 -8.81 20.67 9.08
N GLN A 27 -7.85 19.83 9.45
CA GLN A 27 -7.12 19.01 8.49
C GLN A 27 -7.81 17.64 8.44
N ILE A 28 -8.44 17.33 7.31
CA ILE A 28 -9.28 16.16 7.18
C ILE A 28 -8.45 15.01 6.62
N GLY A 29 -8.34 13.90 7.40
CA GLY A 29 -7.63 12.72 6.95
C GLY A 29 -8.56 11.70 6.32
N ILE A 30 -7.96 10.69 5.68
CA ILE A 30 -8.75 9.64 5.02
C ILE A 30 -9.65 8.92 6.02
N LYS A 31 -9.18 8.74 7.26
CA LYS A 31 -10.02 8.03 8.24
C LYS A 31 -11.25 8.86 8.62
N ASP A 32 -11.14 10.19 8.61
CA ASP A 32 -12.31 11.04 8.81
C ASP A 32 -13.25 11.02 7.61
N ILE A 33 -12.69 11.02 6.40
CA ILE A 33 -13.51 10.84 5.20
C ILE A 33 -14.28 9.53 5.28
N SER A 34 -13.58 8.44 5.63
CA SER A 34 -14.23 7.14 5.68
C SER A 34 -15.33 7.10 6.73
N LYS A 35 -15.10 7.73 7.88
CA LYS A 35 -16.15 7.82 8.90
C LYS A 35 -17.38 8.55 8.34
N SER A 36 -17.16 9.65 7.62
CA SER A 36 -18.28 10.38 7.04
C SER A 36 -19.02 9.53 6.01
N LEU A 37 -18.27 8.78 5.19
CA LEU A 37 -18.91 7.89 4.23
C LEU A 37 -19.81 6.88 4.93
N THR A 38 -19.33 6.28 6.01
CA THR A 38 -20.14 5.34 6.76
C THR A 38 -21.38 6.02 7.35
N ASN A 39 -21.20 7.21 7.94
CA ASN A 39 -22.33 8.01 8.39
C ASN A 39 -23.36 8.24 7.28
N LEU A 40 -22.88 8.61 6.09
CA LEU A 40 -23.80 8.85 4.98
C LEU A 40 -24.52 7.58 4.55
N SER A 41 -23.86 6.42 4.67
CA SER A 41 -24.51 5.17 4.32
C SER A 41 -25.68 4.86 5.26
N LYS A 42 -25.66 5.37 6.48
CA LYS A 42 -26.77 5.13 7.38
C LYS A 42 -28.02 5.88 6.93
N VAL A 43 -27.83 6.97 6.20
CA VAL A 43 -28.93 7.80 5.69
C VAL A 43 -29.40 7.33 4.33
N TYR A 44 -28.47 7.07 3.40
CA TYR A 44 -28.81 6.79 2.01
C TYR A 44 -28.66 5.33 1.60
N GLY A 45 -28.05 4.49 2.42
CA GLY A 45 -27.89 3.10 2.09
C GLY A 45 -26.53 2.78 1.50
N PRO A 46 -26.36 1.57 0.97
CA PRO A 46 -25.02 1.10 0.59
C PRO A 46 -24.48 1.68 -0.71
N VAL A 47 -25.30 2.36 -1.51
CA VAL A 47 -24.83 2.93 -2.78
C VAL A 47 -25.38 4.35 -2.87
N PHE A 48 -24.50 5.34 -2.88
CA PHE A 48 -24.93 6.73 -2.89
C PHE A 48 -23.94 7.59 -3.68
N THR A 49 -24.41 8.76 -4.07
CA THR A 49 -23.62 9.68 -4.87
C THR A 49 -23.25 10.91 -4.04
N LEU A 50 -21.98 11.27 -4.11
CA LEU A 50 -21.51 12.57 -3.64
C LEU A 50 -21.29 13.45 -4.86
N TYR A 51 -21.70 14.71 -4.75
CA TYR A 51 -21.40 15.70 -5.77
C TYR A 51 -20.41 16.70 -5.22
N PHE A 52 -19.38 16.98 -6.00
CA PHE A 52 -18.41 18.04 -5.71
C PHE A 52 -18.54 19.04 -6.86
N GLY A 53 -19.47 19.98 -6.71
CA GLY A 53 -19.90 20.80 -7.83
C GLY A 53 -20.76 19.99 -8.76
N LEU A 54 -20.33 19.85 -10.01
CA LEU A 54 -21.00 19.02 -10.99
C LEU A 54 -20.34 17.66 -11.17
N LYS A 55 -19.28 17.36 -10.43
CA LYS A 55 -18.61 16.07 -10.53
C LYS A 55 -19.24 15.08 -9.57
N PRO A 56 -19.87 14.02 -10.07
CA PRO A 56 -20.40 12.99 -9.17
C PRO A 56 -19.37 11.91 -8.86
N ILE A 57 -19.49 11.36 -7.65
CA ILE A 57 -18.69 10.24 -7.19
C ILE A 57 -19.64 9.24 -6.54
N VAL A 58 -19.70 8.03 -7.09
CA VAL A 58 -20.57 6.99 -6.58
C VAL A 58 -19.80 6.17 -5.55
N VAL A 59 -20.33 6.10 -4.33
CA VAL A 59 -19.70 5.40 -3.23
C VAL A 59 -20.34 4.03 -3.07
N LEU A 60 -19.49 3.01 -2.91
CA LEU A 60 -19.90 1.64 -2.64
C LEU A 60 -19.53 1.32 -1.20
N HIS A 61 -20.53 0.97 -0.38
CA HIS A 61 -20.34 0.77 1.04
C HIS A 61 -20.93 -0.56 1.44
N GLY A 62 -20.12 -1.41 2.07
CA GLY A 62 -20.60 -2.71 2.51
C GLY A 62 -20.22 -3.81 1.54
N TYR A 63 -20.05 -5.01 2.08
CA TYR A 63 -19.52 -6.14 1.30
C TYR A 63 -20.40 -6.45 0.09
N GLU A 64 -21.73 -6.45 0.25
CA GLU A 64 -22.56 -6.89 -0.86
C GLU A 64 -22.48 -5.91 -2.04
N ALA A 65 -22.45 -4.60 -1.77
CA ALA A 65 -22.27 -3.65 -2.85
C ALA A 65 -20.88 -3.76 -3.48
N VAL A 66 -19.84 -3.85 -2.65
CA VAL A 66 -18.48 -3.94 -3.18
C VAL A 66 -18.31 -5.19 -4.04
N LYS A 67 -18.80 -6.34 -3.54
CA LYS A 67 -18.70 -7.60 -4.27
C LYS A 67 -19.46 -7.54 -5.59
N GLU A 68 -20.71 -7.06 -5.55
CA GLU A 68 -21.52 -7.03 -6.76
C GLU A 68 -20.88 -6.18 -7.85
N ALA A 69 -20.23 -5.10 -7.45
CA ALA A 69 -19.60 -4.21 -8.43
C ALA A 69 -18.23 -4.73 -8.82
N LEU A 70 -17.30 -4.82 -7.87
CA LEU A 70 -15.91 -5.10 -8.22
C LEU A 70 -15.73 -6.53 -8.71
N ILE A 71 -16.55 -7.47 -8.24
CA ILE A 71 -16.38 -8.85 -8.65
C ILE A 71 -17.44 -9.27 -9.66
N ASP A 72 -18.73 -9.19 -9.30
CA ASP A 72 -19.77 -9.67 -10.21
C ASP A 72 -19.80 -8.86 -11.51
N LEU A 73 -19.51 -7.57 -11.46
CA LEU A 73 -19.38 -6.75 -12.67
C LEU A 73 -17.94 -6.26 -12.82
N GLY A 74 -16.99 -7.18 -12.65
CA GLY A 74 -15.59 -6.77 -12.50
C GLY A 74 -15.06 -5.96 -13.67
N GLU A 75 -15.38 -6.38 -14.89
CA GLU A 75 -14.92 -5.65 -16.07
C GLU A 75 -15.43 -4.22 -16.07
N GLU A 76 -16.71 -4.03 -15.78
CA GLU A 76 -17.29 -2.69 -15.88
C GLU A 76 -16.71 -1.75 -14.83
N PHE A 77 -16.30 -2.29 -13.68
CA PHE A 77 -15.77 -1.46 -12.59
C PHE A 77 -14.25 -1.49 -12.52
N SER A 78 -13.58 -1.86 -13.60
CA SER A 78 -12.13 -2.01 -13.59
C SER A 78 -11.39 -0.76 -14.07
N GLY A 79 -12.10 0.36 -14.31
CA GLY A 79 -11.45 1.56 -14.77
C GLY A 79 -10.79 2.33 -13.63
N ARG A 80 -9.82 3.17 -13.99
CA ARG A 80 -9.11 4.01 -13.02
C ARG A 80 -9.62 5.45 -13.04
N GLY A 81 -9.71 6.06 -14.21
CA GLY A 81 -10.11 7.45 -14.30
C GLY A 81 -8.91 8.35 -14.53
N ILE A 82 -9.21 9.65 -14.61
CA ILE A 82 -8.20 10.66 -14.94
C ILE A 82 -7.82 11.45 -13.70
N PHE A 83 -6.52 11.68 -13.52
CA PHE A 83 -6.00 12.55 -12.47
C PHE A 83 -5.11 13.57 -13.16
N PRO A 84 -5.49 14.86 -13.14
CA PRO A 84 -4.79 15.83 -13.99
C PRO A 84 -3.29 15.93 -13.75
N LEU A 85 -2.87 15.99 -12.49
CA LEU A 85 -1.44 16.12 -12.20
C LEU A 85 -0.67 14.90 -12.69
N ALA A 86 -1.27 13.71 -12.59
CA ALA A 86 -0.64 12.52 -13.14
C ALA A 86 -0.55 12.59 -14.66
N GLU A 87 -1.54 13.19 -15.32
CA GLU A 87 -1.48 13.33 -16.77
C GLU A 87 -0.37 14.29 -17.20
N ARG A 88 -0.10 15.33 -16.41
CA ARG A 88 1.02 16.22 -16.70
C ARG A 88 2.35 15.46 -16.66
N ALA A 89 2.50 14.56 -15.70
CA ALA A 89 3.73 13.77 -15.59
C ALA A 89 3.78 12.60 -16.55
N ASN A 90 2.80 12.52 -17.47
CA ASN A 90 2.69 11.43 -18.44
C ASN A 90 2.75 10.08 -17.73
N ARG A 91 1.91 9.93 -16.70
CA ARG A 91 1.89 8.74 -15.85
C ARG A 91 0.90 7.69 -16.30
N GLY A 92 -0.02 8.01 -17.20
CA GLY A 92 -1.01 7.06 -17.66
C GLY A 92 -0.48 5.87 -18.42
N PHE A 93 0.85 5.73 -18.55
CA PHE A 93 1.46 4.69 -19.37
C PHE A 93 2.03 3.54 -18.54
N GLY A 94 1.55 3.34 -17.32
CA GLY A 94 1.99 2.24 -16.49
C GLY A 94 0.85 1.31 -16.13
N ILE A 95 0.77 0.94 -14.86
CA ILE A 95 -0.33 0.11 -14.36
C ILE A 95 -1.36 0.95 -13.61
N VAL A 96 -0.89 1.78 -12.67
CA VAL A 96 -1.77 2.43 -11.71
C VAL A 96 -2.77 3.35 -12.40
N PHE A 97 -2.32 4.10 -13.41
CA PHE A 97 -3.12 5.12 -14.06
C PHE A 97 -3.56 4.77 -15.48
N SER A 98 -3.21 3.59 -15.97
CA SER A 98 -3.62 3.27 -17.32
C SER A 98 -5.03 2.69 -17.32
N ASN A 99 -5.60 2.63 -18.53
CA ASN A 99 -6.94 2.14 -18.71
C ASN A 99 -7.00 1.28 -19.97
N GLY A 100 -8.05 0.50 -20.08
CA GLY A 100 -8.36 -0.23 -21.31
C GLY A 100 -7.29 -1.21 -21.74
N LYS A 101 -6.96 -1.17 -23.03
CA LYS A 101 -6.04 -2.14 -23.61
C LYS A 101 -4.64 -2.01 -23.03
N LYS A 102 -4.15 -0.77 -22.87
CA LYS A 102 -2.83 -0.53 -22.31
C LYS A 102 -2.72 -1.13 -20.90
N TRP A 103 -3.71 -0.86 -20.05
CA TRP A 103 -3.70 -1.40 -18.70
C TRP A 103 -3.75 -2.93 -18.71
N LYS A 104 -4.60 -3.50 -19.55
CA LYS A 104 -4.79 -4.94 -19.56
C LYS A 104 -3.50 -5.70 -19.84
N GLU A 105 -2.74 -5.25 -20.84
CA GLU A 105 -1.53 -5.98 -21.25
C GLU A 105 -0.37 -5.72 -20.29
N ILE A 106 -0.23 -4.48 -19.80
CA ILE A 106 0.86 -4.16 -18.90
C ILE A 106 0.64 -4.80 -17.54
N ARG A 107 -0.60 -4.77 -17.04
CA ARG A 107 -0.85 -5.40 -15.75
C ARG A 107 -0.67 -6.92 -15.86
N ARG A 108 -1.12 -7.53 -16.96
CA ARG A 108 -0.95 -8.96 -17.15
C ARG A 108 0.53 -9.33 -17.25
N PHE A 109 1.28 -8.60 -18.08
CA PHE A 109 2.72 -8.82 -18.17
C PHE A 109 3.39 -8.69 -16.81
N SER A 110 3.04 -7.65 -16.06
CA SER A 110 3.71 -7.43 -14.79
C SER A 110 3.36 -8.52 -13.79
N LEU A 111 2.08 -8.91 -13.72
CA LEU A 111 1.65 -9.98 -12.83
C LEU A 111 2.50 -11.23 -13.00
N MET A 112 2.64 -11.69 -14.25
CA MET A 112 3.35 -12.94 -14.50
C MET A 112 4.85 -12.82 -14.27
N THR A 113 5.42 -11.65 -14.54
CA THR A 113 6.81 -11.43 -14.17
C THR A 113 7.00 -11.57 -12.67
N LEU A 114 6.05 -11.01 -11.89
CA LEU A 114 6.12 -11.08 -10.44
C LEU A 114 5.76 -12.46 -9.89
N ARG A 115 5.32 -13.39 -10.74
CA ARG A 115 5.21 -14.79 -10.33
C ARG A 115 6.34 -15.65 -10.90
N ASN A 116 7.53 -15.07 -11.10
CA ASN A 116 8.71 -15.80 -11.60
C ASN A 116 8.49 -16.40 -12.99
N PHE A 117 8.02 -15.59 -13.93
CA PHE A 117 8.06 -15.97 -15.33
C PHE A 117 8.94 -14.96 -16.06
N GLY A 118 10.07 -15.44 -16.57
CA GLY A 118 11.04 -14.58 -17.21
C GLY A 118 12.09 -14.00 -16.29
N MET A 119 12.00 -14.24 -14.99
CA MET A 119 12.89 -13.58 -14.04
C MET A 119 14.16 -14.35 -13.75
N GLY A 120 14.44 -15.41 -14.51
CA GLY A 120 15.60 -16.22 -14.28
C GLY A 120 15.40 -17.21 -13.17
N LYS A 121 16.51 -17.79 -12.72
CA LYS A 121 16.45 -18.76 -11.64
C LYS A 121 16.02 -18.10 -10.33
N ARG A 122 16.62 -16.96 -10.00
CA ARG A 122 16.36 -16.26 -8.74
C ARG A 122 14.88 -15.95 -8.58
N SER A 123 14.24 -16.60 -7.62
CA SER A 123 12.84 -16.36 -7.36
C SER A 123 12.64 -15.03 -6.63
N ILE A 124 11.39 -14.56 -6.67
CA ILE A 124 11.00 -13.40 -5.86
C ILE A 124 11.22 -13.68 -4.38
N GLU A 125 10.85 -14.88 -3.92
CA GLU A 125 11.05 -15.25 -2.52
C GLU A 125 12.53 -15.22 -2.14
N ASP A 126 13.41 -15.73 -3.02
CA ASP A 126 14.85 -15.63 -2.79
C ASP A 126 15.27 -14.18 -2.50
N ARG A 127 14.71 -13.24 -3.26
CA ARG A 127 15.09 -11.83 -3.11
C ARG A 127 14.57 -11.26 -1.80
N VAL A 128 13.33 -11.61 -1.44
CA VAL A 128 12.79 -11.18 -0.15
C VAL A 128 13.58 -11.80 1.00
N GLN A 129 13.93 -13.10 0.88
CA GLN A 129 14.69 -13.75 1.94
C GLN A 129 16.03 -13.07 2.16
N GLU A 130 16.71 -12.70 1.08
CA GLU A 130 17.99 -12.01 1.24
C GLU A 130 17.79 -10.67 1.94
N GLU A 131 16.76 -9.91 1.53
CA GLU A 131 16.49 -8.64 2.19
C GLU A 131 16.15 -8.84 3.65
N ALA A 132 15.43 -9.92 3.97
CA ALA A 132 15.08 -10.19 5.36
C ALA A 132 16.33 -10.40 6.22
N ARG A 133 17.33 -11.11 5.68
CA ARG A 133 18.59 -11.28 6.43
C ARG A 133 19.32 -9.95 6.59
N CYS A 134 19.33 -9.12 5.55
CA CYS A 134 19.97 -7.81 5.66
C CYS A 134 19.21 -6.91 6.62
N LEU A 135 17.88 -7.00 6.62
CA LEU A 135 17.07 -6.25 7.57
C LEU A 135 17.44 -6.60 9.01
N VAL A 136 17.59 -7.90 9.29
CA VAL A 136 17.97 -8.32 10.64
C VAL A 136 19.35 -7.80 11.00
N GLU A 137 20.29 -7.87 10.06
CA GLU A 137 21.63 -7.33 10.31
C GLU A 137 21.57 -5.84 10.66
N GLU A 138 20.76 -5.05 9.94
CA GLU A 138 20.67 -3.64 10.24
C GLU A 138 20.04 -3.40 11.61
N LEU A 139 19.02 -4.20 11.96
CA LEU A 139 18.46 -4.07 13.31
C LEU A 139 19.48 -4.41 14.37
N ARG A 140 20.38 -5.36 14.07
CA ARG A 140 21.47 -5.66 14.99
C ARG A 140 22.36 -4.44 15.22
N LYS A 141 22.63 -3.67 14.17
CA LYS A 141 23.51 -2.52 14.30
C LYS A 141 22.93 -1.41 15.17
N THR A 142 21.63 -1.43 15.47
CA THR A 142 21.11 -0.45 16.44
C THR A 142 21.54 -0.77 17.87
N LYS A 143 22.10 -1.95 18.12
CA LYS A 143 22.73 -2.30 19.40
C LYS A 143 21.74 -2.24 20.56
N ALA A 144 20.49 -2.62 20.29
CA ALA A 144 19.45 -2.70 21.30
C ALA A 144 19.12 -1.35 21.92
N SER A 145 19.57 -0.26 21.31
CA SER A 145 19.22 1.05 21.83
C SER A 145 17.87 1.51 21.27
N PRO A 146 17.21 2.46 21.93
CA PRO A 146 15.92 2.96 21.41
C PRO A 146 16.04 3.46 19.97
N CYS A 147 15.08 3.04 19.15
CA CYS A 147 15.19 3.14 17.69
C CYS A 147 13.83 3.54 17.14
N ASP A 148 13.82 4.58 16.30
CA ASP A 148 12.65 4.88 15.48
C ASP A 148 12.78 4.06 14.21
N PRO A 149 11.97 3.01 14.01
CA PRO A 149 12.23 2.06 12.92
C PRO A 149 11.78 2.52 11.55
N THR A 150 11.25 3.74 11.43
CA THR A 150 10.70 4.21 10.16
C THR A 150 11.68 4.03 9.00
N PHE A 151 12.93 4.45 9.18
CA PHE A 151 13.89 4.40 8.07
C PHE A 151 14.21 2.97 7.67
N ILE A 152 14.64 2.15 8.63
CA ILE A 152 15.06 0.79 8.30
C ILE A 152 13.91 0.01 7.67
N LEU A 153 12.69 0.15 8.22
CA LEU A 153 11.55 -0.56 7.65
C LEU A 153 11.15 0.01 6.29
N GLY A 154 11.56 1.22 5.96
CA GLY A 154 11.32 1.75 4.63
C GLY A 154 12.29 1.22 3.61
N CYS A 155 13.58 1.05 4.01
CA CYS A 155 14.60 0.55 3.09
C CYS A 155 14.27 -0.84 2.55
N ALA A 156 13.82 -1.74 3.41
CA ALA A 156 13.70 -3.14 3.00
C ALA A 156 12.73 -3.33 1.84
N PRO A 157 11.47 -2.86 1.88
CA PRO A 157 10.60 -3.01 0.69
C PRO A 157 11.07 -2.23 -0.53
N CYS A 158 11.73 -1.08 -0.33
CA CYS A 158 12.30 -0.38 -1.47
C CYS A 158 13.38 -1.23 -2.12
N ASN A 159 14.26 -1.82 -1.29
CA ASN A 159 15.31 -2.67 -1.82
C ASN A 159 14.75 -3.89 -2.54
N VAL A 160 13.63 -4.44 -2.05
CA VAL A 160 13.02 -5.58 -2.76
C VAL A 160 12.62 -5.18 -4.17
N ILE A 161 12.02 -4.01 -4.32
CA ILE A 161 11.65 -3.55 -5.68
C ILE A 161 12.90 -3.29 -6.52
N CYS A 162 13.93 -2.66 -5.94
CA CYS A 162 15.19 -2.50 -6.68
C CYS A 162 15.70 -3.84 -7.21
N SER A 163 15.70 -4.85 -6.35
CA SER A 163 16.21 -6.16 -6.76
C SER A 163 15.34 -6.79 -7.84
N ILE A 164 14.04 -6.55 -7.81
CA ILE A 164 13.15 -7.08 -8.84
C ILE A 164 13.33 -6.34 -10.16
N ILE A 165 13.41 -5.01 -10.12
CA ILE A 165 13.42 -4.23 -11.35
C ILE A 165 14.80 -4.27 -12.03
N PHE A 166 15.89 -4.07 -11.29
CA PHE A 166 17.17 -4.08 -11.98
C PHE A 166 18.22 -4.94 -11.31
N HIS A 167 17.80 -5.93 -10.52
CA HIS A 167 18.70 -6.97 -10.02
C HIS A 167 19.77 -6.39 -9.09
N LYS A 168 19.50 -5.28 -8.43
CA LYS A 168 20.49 -4.68 -7.54
C LYS A 168 19.82 -4.34 -6.21
N ARG A 169 20.44 -4.74 -5.11
CA ARG A 169 20.06 -4.23 -3.80
C ARG A 169 21.23 -3.43 -3.25
N PHE A 170 20.93 -2.50 -2.35
CA PHE A 170 21.91 -1.52 -1.90
C PHE A 170 22.09 -1.60 -0.39
N ASP A 171 23.28 -1.26 0.08
CA ASP A 171 23.49 -0.98 1.48
C ASP A 171 22.64 0.20 1.91
N TYR A 172 22.16 0.17 3.15
CA TYR A 172 21.25 1.21 3.59
C TYR A 172 21.93 2.58 3.72
N LYS A 173 23.25 2.68 3.48
CA LYS A 173 23.96 3.96 3.46
C LYS A 173 24.45 4.34 2.07
N ASP A 174 24.11 3.58 1.03
CA ASP A 174 24.51 3.92 -0.32
C ASP A 174 23.80 5.19 -0.78
N GLN A 175 24.57 6.13 -1.35
CA GLN A 175 24.01 7.43 -1.71
C GLN A 175 22.97 7.31 -2.81
N GLN A 176 23.23 6.48 -3.80
CA GLN A 176 22.25 6.23 -4.86
C GLN A 176 20.93 5.73 -4.28
N PHE A 177 21.01 4.81 -3.33
CA PHE A 177 19.81 4.28 -2.68
C PHE A 177 19.10 5.35 -1.87
N LEU A 178 19.87 6.12 -1.07
CA LEU A 178 19.31 7.20 -0.28
C LEU A 178 18.66 8.25 -1.16
N ASN A 179 19.29 8.59 -2.29
CA ASN A 179 18.69 9.55 -3.22
C ASN A 179 17.32 9.08 -3.71
N LEU A 180 17.21 7.80 -4.07
CA LEU A 180 15.94 7.30 -4.58
C LEU A 180 14.85 7.33 -3.51
N MET A 181 15.18 6.91 -2.30
CA MET A 181 14.19 6.91 -1.21
C MET A 181 13.81 8.32 -0.81
N GLU A 182 14.76 9.25 -0.86
CA GLU A 182 14.46 10.65 -0.56
C GLU A 182 13.36 11.17 -1.49
N LYS A 183 13.50 10.94 -2.80
CA LYS A 183 12.50 11.42 -3.75
C LYS A 183 11.16 10.70 -3.54
N LEU A 184 11.20 9.39 -3.30
CA LEU A 184 9.98 8.63 -3.03
C LEU A 184 9.27 9.13 -1.78
N ASN A 185 10.04 9.33 -0.70
CA ASN A 185 9.46 9.87 0.53
C ASN A 185 8.87 11.26 0.31
N GLU A 186 9.56 12.10 -0.46
CA GLU A 186 9.03 13.43 -0.75
C GLU A 186 7.70 13.36 -1.47
N ASN A 187 7.64 12.54 -2.53
CA ASN A 187 6.42 12.40 -3.31
C ASN A 187 5.27 11.83 -2.49
N ILE A 188 5.54 10.78 -1.71
CA ILE A 188 4.51 10.22 -0.83
C ILE A 188 3.98 11.28 0.12
N LYS A 189 4.87 12.07 0.72
CA LYS A 189 4.45 13.14 1.63
C LYS A 189 3.57 14.15 0.92
N ILE A 190 3.92 14.52 -0.32
CA ILE A 190 3.09 15.44 -1.08
C ILE A 190 1.74 14.82 -1.38
N LEU A 191 1.74 13.63 -2.00
CA LEU A 191 0.52 13.04 -2.52
C LEU A 191 -0.47 12.62 -1.44
N SER A 192 -0.01 12.37 -0.22
CA SER A 192 -0.87 11.84 0.83
C SER A 192 -1.19 12.88 1.89
N SER A 193 -1.00 14.16 1.57
CA SER A 193 -1.24 15.22 2.54
C SER A 193 -2.73 15.32 2.86
N PRO A 194 -3.08 15.78 4.05
CA PRO A 194 -4.50 15.87 4.42
C PRO A 194 -5.27 16.83 3.53
N TRP A 195 -6.58 16.85 3.74
CA TRP A 195 -7.48 17.70 2.99
C TRP A 195 -7.92 18.86 3.85
N ILE A 196 -8.63 19.79 3.21
CA ILE A 196 -9.10 21.00 3.87
C ILE A 196 -10.22 21.58 3.02
N GLN A 197 -11.18 22.23 3.68
CA GLN A 197 -12.24 22.96 3.00
C GLN A 197 -12.05 24.45 3.30
N ILE A 198 -11.91 25.25 2.24
CA ILE A 198 -11.79 26.70 2.33
C ILE A 198 -12.71 27.29 1.28
N CYS A 199 -13.63 28.15 1.71
CA CYS A 199 -14.74 28.63 0.90
C CYS A 199 -15.48 27.44 0.31
N ASN A 200 -15.97 27.57 -0.92
CA ASN A 200 -16.65 26.46 -1.61
C ASN A 200 -15.65 25.59 -2.36
N ASN A 201 -14.59 25.20 -1.66
CA ASN A 201 -13.53 24.36 -2.22
C ASN A 201 -13.15 23.30 -1.20
N PHE A 202 -13.11 22.05 -1.65
CA PHE A 202 -12.61 20.93 -0.85
C PHE A 202 -11.45 20.34 -1.62
N SER A 203 -10.24 20.47 -1.09
CA SER A 203 -9.05 20.24 -1.88
C SER A 203 -7.95 19.64 -1.01
N PRO A 204 -7.01 18.91 -1.62
CA PRO A 204 -5.77 18.60 -0.90
C PRO A 204 -5.09 19.88 -0.47
N ILE A 205 -4.37 19.82 0.64
CA ILE A 205 -3.75 21.02 1.16
C ILE A 205 -2.63 21.48 0.24
N ILE A 206 -1.80 20.55 -0.25
CA ILE A 206 -0.62 20.92 -1.02
C ILE A 206 -0.98 21.61 -2.33
N ASP A 207 -2.23 21.50 -2.78
CA ASP A 207 -2.67 22.29 -3.94
C ASP A 207 -2.49 23.78 -3.67
N TYR A 208 -2.51 24.19 -2.40
CA TYR A 208 -2.25 25.58 -2.02
C TYR A 208 -0.75 25.87 -1.90
N PHE A 209 0.03 24.87 -1.48
CA PHE A 209 1.46 25.04 -1.24
C PHE A 209 2.19 25.22 -2.58
N PRO A 210 3.04 26.25 -2.73
CA PRO A 210 3.49 26.65 -4.08
C PRO A 210 4.37 25.65 -4.82
N GLY A 211 5.41 25.14 -4.17
CA GLY A 211 6.33 24.31 -4.91
C GLY A 211 5.94 22.86 -5.06
N THR A 212 4.75 22.45 -4.58
CA THR A 212 4.46 21.03 -4.46
C THR A 212 4.27 20.37 -5.83
N HIS A 213 3.43 20.95 -6.67
CA HIS A 213 3.18 20.34 -7.98
C HIS A 213 4.45 20.26 -8.82
N ASN A 214 5.34 21.25 -8.71
CA ASN A 214 6.59 21.17 -9.47
C ASN A 214 7.55 20.16 -8.86
N LYS A 215 7.61 20.08 -7.52
CA LYS A 215 8.53 19.14 -6.89
C LYS A 215 8.14 17.69 -7.20
N LEU A 216 6.83 17.42 -7.22
CA LEU A 216 6.33 16.10 -7.60
C LEU A 216 6.70 15.76 -9.03
N LEU A 217 6.51 16.70 -9.95
CA LEU A 217 6.89 16.45 -11.35
C LEU A 217 8.38 16.26 -11.49
N LYS A 218 9.18 17.08 -10.78
CA LYS A 218 10.62 16.95 -10.87
C LYS A 218 11.10 15.63 -10.30
N ASN A 219 10.56 15.22 -9.13
CA ASN A 219 10.96 13.96 -8.53
C ASN A 219 10.60 12.78 -9.43
N VAL A 220 9.42 12.82 -10.04
CA VAL A 220 9.00 11.77 -10.98
C VAL A 220 9.91 11.75 -12.20
N ALA A 221 10.27 12.93 -12.74
CA ALA A 221 11.22 12.97 -13.85
C ALA A 221 12.57 12.42 -13.43
N PHE A 222 13.03 12.78 -12.23
CA PHE A 222 14.27 12.23 -11.71
C PHE A 222 14.22 10.71 -11.68
N MET A 223 13.13 10.14 -11.14
CA MET A 223 13.06 8.70 -10.96
C MET A 223 13.02 7.98 -12.30
N LYS A 224 12.22 8.49 -13.27
CA LYS A 224 12.20 7.90 -14.59
C LYS A 224 13.56 7.98 -15.27
N SER A 225 14.27 9.09 -15.07
CA SER A 225 15.61 9.27 -15.64
C SER A 225 16.61 8.29 -15.03
N TYR A 226 16.50 8.03 -13.71
CA TYR A 226 17.35 7.03 -13.07
C TYR A 226 17.05 5.63 -13.58
N ILE A 227 15.76 5.28 -13.71
CA ILE A 227 15.39 4.00 -14.31
C ILE A 227 15.91 3.92 -15.74
N LEU A 228 15.76 4.99 -16.52
CA LEU A 228 16.25 4.99 -17.89
C LEU A 228 17.75 4.70 -17.96
N GLU A 229 18.52 5.24 -17.01
CA GLU A 229 19.94 4.94 -16.96
C GLU A 229 20.17 3.45 -16.77
N LYS A 230 19.36 2.80 -15.91
CA LYS A 230 19.45 1.36 -15.73
C LYS A 230 19.00 0.61 -16.98
N VAL A 231 17.98 1.12 -17.67
CA VAL A 231 17.49 0.47 -18.88
C VAL A 231 18.58 0.44 -19.96
N LYS A 232 19.33 1.52 -20.09
CA LYS A 232 20.38 1.57 -21.11
C LYS A 232 21.47 0.54 -20.81
N GLU A 233 21.92 0.47 -19.56
CA GLU A 233 22.84 -0.59 -19.15
C GLU A 233 22.30 -1.97 -19.54
N HIS A 234 21.02 -2.23 -19.24
CA HIS A 234 20.42 -3.51 -19.59
C HIS A 234 20.37 -3.74 -21.09
N GLN A 235 20.21 -2.68 -21.89
CA GLN A 235 20.14 -2.88 -23.33
C GLN A 235 21.48 -3.33 -23.89
N GLU A 236 22.57 -3.06 -23.18
CA GLU A 236 23.90 -3.46 -23.64
C GLU A 236 24.10 -4.97 -23.63
N SER A 237 23.34 -5.73 -22.84
CA SER A 237 23.56 -7.16 -22.76
C SER A 237 22.26 -7.94 -22.91
N MET A 238 21.27 -7.37 -23.59
CA MET A 238 19.98 -8.02 -23.65
C MET A 238 20.09 -9.35 -24.39
N ASP A 239 19.43 -10.36 -23.82
CA ASP A 239 19.68 -11.75 -24.17
C ASP A 239 18.35 -12.49 -24.03
N MET A 240 17.73 -12.82 -25.17
CA MET A 240 16.45 -13.52 -25.16
C MET A 240 16.51 -14.82 -24.38
N ASN A 241 17.68 -15.38 -24.16
CA ASN A 241 17.81 -16.63 -23.42
C ASN A 241 18.22 -16.41 -21.97
N ASN A 242 18.35 -15.16 -21.51
CA ASN A 242 18.87 -14.98 -20.17
C ASN A 242 18.29 -13.76 -19.44
N PRO A 243 16.97 -13.53 -19.46
CA PRO A 243 16.45 -12.41 -18.68
C PRO A 243 16.58 -12.71 -17.19
N GLN A 244 16.87 -11.68 -16.41
CA GLN A 244 17.02 -11.89 -14.98
C GLN A 244 16.33 -10.84 -14.11
N ASP A 245 15.58 -9.90 -14.69
CA ASP A 245 14.83 -8.96 -13.86
C ASP A 245 13.70 -8.39 -14.70
N PHE A 246 12.94 -7.47 -14.10
CA PHE A 246 11.79 -6.88 -14.77
C PHE A 246 12.20 -6.12 -16.03
N ILE A 247 13.31 -5.37 -15.97
CA ILE A 247 13.74 -4.60 -17.13
C ILE A 247 14.10 -5.54 -18.29
N ASP A 248 14.87 -6.60 -18.01
CA ASP A 248 15.19 -7.60 -19.04
C ASP A 248 13.91 -8.20 -19.63
N CYS A 249 12.96 -8.60 -18.78
CA CYS A 249 11.71 -9.17 -19.27
C CYS A 249 10.95 -8.20 -20.16
N PHE A 250 10.82 -6.95 -19.71
CA PHE A 250 10.11 -5.94 -20.48
C PHE A 250 10.78 -5.71 -21.83
N LEU A 251 12.11 -5.65 -21.85
CA LEU A 251 12.82 -5.46 -23.11
C LEU A 251 12.67 -6.66 -24.03
N MET A 252 12.60 -7.87 -23.48
CA MET A 252 12.33 -9.04 -24.30
C MET A 252 10.93 -8.99 -24.89
N LYS A 253 9.95 -8.53 -24.10
CA LYS A 253 8.61 -8.36 -24.64
C LYS A 253 8.58 -7.30 -25.73
N MET A 254 9.27 -6.17 -25.52
CA MET A 254 9.37 -5.18 -26.57
C MET A 254 9.95 -5.78 -27.84
N GLU A 255 10.92 -6.67 -27.70
CA GLU A 255 11.51 -7.35 -28.85
C GLU A 255 10.50 -8.24 -29.56
N LYS A 256 9.72 -9.01 -28.79
CA LYS A 256 8.72 -9.88 -29.41
C LYS A 256 7.57 -9.10 -30.03
N GLU A 257 7.31 -7.87 -29.57
CA GLU A 257 6.21 -7.06 -30.09
C GLU A 257 6.63 -6.16 -31.25
N LYS A 258 7.88 -6.21 -31.68
CA LYS A 258 8.27 -5.49 -32.88
C LYS A 258 7.48 -6.02 -34.08
N HIS A 259 7.34 -5.17 -35.10
CA HIS A 259 6.56 -5.44 -36.30
C HIS A 259 5.06 -5.43 -36.02
N ASN A 260 4.67 -5.45 -34.75
CA ASN A 260 3.28 -5.31 -34.34
C ASN A 260 3.03 -3.93 -33.73
N GLN A 261 3.60 -2.90 -34.35
CA GLN A 261 3.40 -1.54 -33.89
C GLN A 261 1.95 -1.11 -34.12
N PRO A 262 1.42 -0.20 -33.29
CA PRO A 262 2.14 0.37 -32.12
C PRO A 262 1.95 -0.48 -30.87
N SER A 263 3.05 -0.99 -30.30
CA SER A 263 2.95 -1.83 -29.11
C SER A 263 2.57 -0.98 -27.89
N GLU A 264 1.92 -1.61 -26.92
CA GLU A 264 1.75 -0.97 -25.62
C GLU A 264 3.06 -0.93 -24.83
N PHE A 265 4.03 -1.77 -25.19
CA PHE A 265 5.29 -1.90 -24.46
C PHE A 265 6.32 -1.00 -25.09
N THR A 266 6.63 0.09 -24.42
CA THR A 266 7.60 1.06 -24.91
C THR A 266 8.49 1.45 -23.76
N ILE A 267 9.58 2.14 -24.08
CA ILE A 267 10.44 2.68 -23.03
C ILE A 267 9.64 3.58 -22.10
N GLU A 268 8.75 4.39 -22.66
CA GLU A 268 7.86 5.22 -21.84
C GLU A 268 6.99 4.37 -20.93
N SER A 269 6.54 3.23 -21.42
CA SER A 269 5.70 2.33 -20.63
C SER A 269 6.53 1.58 -19.59
N LEU A 270 7.77 1.24 -19.94
CA LEU A 270 8.67 0.59 -18.99
C LEU A 270 9.01 1.53 -17.83
N GLU A 271 9.27 2.81 -18.12
CA GLU A 271 9.66 3.72 -17.06
C GLU A 271 8.48 4.01 -16.11
N ASN A 272 7.27 4.22 -16.66
CA ASN A 272 6.11 4.46 -15.79
C ASN A 272 5.71 3.22 -15.00
N THR A 273 5.83 2.04 -15.60
CA THR A 273 5.53 0.83 -14.85
C THR A 273 6.52 0.64 -13.70
N ALA A 274 7.80 0.88 -13.96
CA ALA A 274 8.81 0.78 -12.91
C ALA A 274 8.54 1.81 -11.82
N VAL A 275 8.20 3.04 -12.19
CA VAL A 275 7.86 4.04 -11.20
C VAL A 275 6.62 3.61 -10.41
N ASP A 276 5.60 3.07 -11.10
CA ASP A 276 4.42 2.57 -10.41
C ASP A 276 4.79 1.58 -9.31
N LEU A 277 5.68 0.64 -9.63
CA LEU A 277 6.02 -0.42 -8.68
C LEU A 277 6.74 0.15 -7.45
N PHE A 278 7.66 1.12 -7.64
CA PHE A 278 8.27 1.78 -6.50
C PHE A 278 7.25 2.54 -5.67
N GLY A 279 6.37 3.29 -6.32
CA GLY A 279 5.41 4.09 -5.57
C GLY A 279 4.33 3.26 -4.91
N ALA A 280 3.92 2.17 -5.55
CA ALA A 280 2.83 1.37 -5.00
C ALA A 280 3.32 0.37 -3.97
N GLY A 281 4.58 -0.04 -4.07
CA GLY A 281 5.07 -1.18 -3.32
C GLY A 281 6.00 -0.84 -2.18
N THR A 282 6.39 0.43 -2.06
CA THR A 282 7.33 0.80 -1.01
C THR A 282 6.62 1.23 0.27
N GLU A 283 5.87 2.33 0.20
CA GLU A 283 5.35 2.92 1.43
C GLU A 283 4.17 2.15 2.01
N THR A 284 3.37 1.49 1.17
CA THR A 284 2.31 0.60 1.68
C THR A 284 2.90 -0.47 2.58
N THR A 285 3.91 -1.20 2.09
CA THR A 285 4.54 -2.25 2.87
C THR A 285 5.25 -1.68 4.10
N SER A 286 6.02 -0.60 3.90
CA SER A 286 6.73 0.04 5.00
C SER A 286 5.76 0.45 6.10
N THR A 287 4.68 1.13 5.75
CA THR A 287 3.74 1.60 6.76
C THR A 287 3.04 0.43 7.45
N THR A 288 2.73 -0.64 6.71
CA THR A 288 2.11 -1.81 7.34
C THR A 288 3.06 -2.48 8.31
N LEU A 289 4.33 -2.66 7.92
CA LEU A 289 5.34 -3.20 8.83
C LEU A 289 5.47 -2.35 10.08
N ARG A 290 5.56 -1.02 9.92
CA ARG A 290 5.75 -0.16 11.07
C ARG A 290 4.57 -0.21 12.01
N TYR A 291 3.36 -0.25 11.44
CA TYR A 291 2.14 -0.41 12.23
C TYR A 291 2.09 -1.78 12.91
N ALA A 292 2.52 -2.83 12.20
CA ALA A 292 2.61 -4.17 12.77
C ALA A 292 3.47 -4.20 14.03
N LEU A 293 4.67 -3.61 13.97
CA LEU A 293 5.54 -3.62 15.14
C LEU A 293 4.92 -2.85 16.29
N LEU A 294 4.24 -1.75 16.00
CA LEU A 294 3.57 -1.00 17.06
C LEU A 294 2.48 -1.85 17.72
N LEU A 295 1.66 -2.54 16.92
CA LEU A 295 0.63 -3.40 17.50
C LEU A 295 1.25 -4.54 18.31
N LEU A 296 2.39 -5.06 17.86
CA LEU A 296 3.06 -6.13 18.61
C LEU A 296 3.60 -5.62 19.95
N LEU A 297 4.05 -4.37 20.01
CA LEU A 297 4.46 -3.77 21.28
C LEU A 297 3.29 -3.58 22.20
N LYS A 298 2.15 -3.16 21.64
CA LYS A 298 0.94 -2.93 22.41
C LYS A 298 0.30 -4.22 22.91
N HIS A 299 0.60 -5.35 22.26
CA HIS A 299 -0.04 -6.63 22.57
C HIS A 299 1.02 -7.69 22.82
N PRO A 300 1.71 -7.60 23.96
CA PRO A 300 2.82 -8.53 24.25
C PRO A 300 2.41 -9.99 24.32
N GLU A 301 1.17 -10.32 24.68
CA GLU A 301 0.78 -11.74 24.70
C GLU A 301 0.66 -12.30 23.29
N VAL A 302 0.19 -11.47 22.35
CA VAL A 302 0.16 -11.88 20.94
C VAL A 302 1.57 -12.15 20.45
N THR A 303 2.50 -11.25 20.77
CA THR A 303 3.87 -11.38 20.29
C THR A 303 4.51 -12.64 20.83
N ALA A 304 4.22 -13.00 22.08
CA ALA A 304 4.83 -14.17 22.68
C ALA A 304 4.36 -15.44 21.97
N LYS A 305 3.09 -15.50 21.60
CA LYS A 305 2.59 -16.67 20.88
C LYS A 305 3.16 -16.74 19.46
N VAL A 306 3.36 -15.59 18.81
CA VAL A 306 4.01 -15.60 17.50
C VAL A 306 5.42 -16.17 17.63
N GLN A 307 6.15 -15.71 18.64
CA GLN A 307 7.52 -16.18 18.82
C GLN A 307 7.54 -17.65 19.23
N GLU A 308 6.60 -18.08 20.07
CA GLU A 308 6.49 -19.50 20.39
C GLU A 308 6.25 -20.32 19.13
N GLU A 309 5.37 -19.83 18.26
CA GLU A 309 5.07 -20.56 17.03
C GLU A 309 6.27 -20.56 16.08
N ILE A 310 7.02 -19.45 16.03
CA ILE A 310 8.23 -19.41 15.20
C ILE A 310 9.25 -20.42 15.69
N GLU A 311 9.44 -20.50 17.00
CA GLU A 311 10.42 -21.44 17.55
C GLU A 311 10.06 -22.87 17.18
N ARG A 312 8.78 -23.26 17.34
CA ARG A 312 8.48 -24.67 17.15
C ARG A 312 8.33 -25.08 15.68
N VAL A 313 8.11 -24.15 14.76
CA VAL A 313 8.01 -24.48 13.34
C VAL A 313 9.31 -24.19 12.60
N ILE A 314 9.93 -23.04 12.85
CA ILE A 314 11.12 -22.64 12.13
C ILE A 314 12.40 -22.87 12.94
N GLY A 315 12.35 -22.77 14.27
CA GLY A 315 13.58 -22.73 15.06
C GLY A 315 14.38 -21.46 14.81
N ARG A 316 15.66 -21.50 15.21
CA ARG A 316 16.53 -20.33 15.08
C ARG A 316 17.69 -20.52 14.12
N ASN A 317 17.81 -21.68 13.47
CA ASN A 317 18.98 -21.97 12.65
C ASN A 317 18.84 -21.56 11.20
N ARG A 318 17.61 -21.39 10.69
CA ARG A 318 17.40 -21.13 9.28
C ARG A 318 16.44 -19.96 9.10
N SER A 319 16.38 -19.48 7.88
CA SER A 319 15.53 -18.34 7.58
C SER A 319 14.09 -18.80 7.35
N PRO A 320 13.10 -18.02 7.77
CA PRO A 320 11.71 -18.33 7.41
C PRO A 320 11.56 -18.46 5.90
N CYS A 321 10.58 -19.25 5.49
CA CYS A 321 10.22 -19.35 4.08
C CYS A 321 8.72 -19.45 3.99
N MET A 322 8.16 -19.28 2.79
CA MET A 322 6.70 -19.20 2.69
C MET A 322 6.01 -20.53 2.98
N GLN A 323 6.71 -21.66 2.82
CA GLN A 323 6.14 -22.95 3.20
C GLN A 323 5.83 -23.04 4.69
N ASP A 324 6.49 -22.23 5.53
CA ASP A 324 6.24 -22.27 6.97
C ASP A 324 4.86 -21.74 7.34
N ARG A 325 4.30 -20.84 6.52
CA ARG A 325 3.09 -20.12 6.91
C ARG A 325 1.89 -21.06 7.08
N SER A 326 1.78 -22.08 6.23
CA SER A 326 0.70 -23.05 6.38
C SER A 326 0.78 -23.82 7.69
N HIS A 327 1.95 -23.86 8.32
CA HIS A 327 2.11 -24.51 9.62
C HIS A 327 2.08 -23.52 10.78
N MET A 328 1.81 -22.24 10.52
CA MET A 328 1.82 -21.22 11.57
C MET A 328 0.51 -20.46 11.51
N PRO A 329 -0.61 -21.11 11.86
CA PRO A 329 -1.92 -20.44 11.75
C PRO A 329 -2.07 -19.22 12.63
N TYR A 330 -1.45 -19.19 13.82
CA TYR A 330 -1.60 -18.04 14.68
C TYR A 330 -0.88 -16.82 14.10
N THR A 331 0.38 -17.01 13.67
CA THR A 331 1.11 -15.93 13.02
C THR A 331 0.38 -15.46 11.76
N ASP A 332 -0.16 -16.40 10.98
CA ASP A 332 -0.90 -16.01 9.79
C ASP A 332 -2.10 -15.17 10.17
N ALA A 333 -2.79 -15.53 11.27
CA ALA A 333 -3.92 -14.74 11.72
C ALA A 333 -3.48 -13.36 12.19
N VAL A 334 -2.30 -13.26 12.81
CA VAL A 334 -1.81 -11.97 13.30
C VAL A 334 -1.51 -11.03 12.14
N VAL A 335 -0.85 -11.54 11.10
CA VAL A 335 -0.53 -10.74 9.92
C VAL A 335 -1.80 -10.28 9.22
N HIS A 336 -2.74 -11.22 8.99
CA HIS A 336 -4.06 -10.85 8.50
C HIS A 336 -4.72 -9.80 9.38
N GLU A 337 -4.64 -9.97 10.69
CA GLU A 337 -5.36 -9.04 11.56
C GLU A 337 -4.71 -7.66 11.56
N VAL A 338 -3.39 -7.60 11.46
CA VAL A 338 -2.75 -6.29 11.28
C VAL A 338 -3.37 -5.56 10.09
N GLN A 339 -3.49 -6.25 8.94
CA GLN A 339 -3.97 -5.59 7.73
C GLN A 339 -5.43 -5.22 7.82
N ARG A 340 -6.24 -6.11 8.40
CA ARG A 340 -7.65 -5.81 8.59
C ARG A 340 -7.84 -4.65 9.56
N TYR A 341 -7.16 -4.71 10.71
CA TYR A 341 -7.35 -3.70 11.75
C TYR A 341 -6.92 -2.32 11.26
N ILE A 342 -5.71 -2.21 10.71
CA ILE A 342 -5.18 -0.88 10.43
C ILE A 342 -5.93 -0.21 9.28
N ASP A 343 -6.50 -0.99 8.35
CA ASP A 343 -7.30 -0.41 7.26
C ASP A 343 -6.46 0.62 6.48
N LEU A 344 -5.36 0.12 5.91
CA LEU A 344 -4.28 0.99 5.43
C LEU A 344 -4.81 1.99 4.42
N LEU A 345 -5.62 1.56 3.47
CA LEU A 345 -6.18 2.41 2.42
C LEU A 345 -7.69 2.32 2.55
N PRO A 346 -8.30 3.15 3.39
CA PRO A 346 -9.73 3.01 3.68
C PRO A 346 -10.64 3.15 2.48
N THR A 347 -10.25 3.91 1.47
CA THR A 347 -11.05 4.02 0.25
C THR A 347 -10.30 3.50 -0.96
N SER A 348 -9.35 2.57 -0.73
CA SER A 348 -8.58 1.98 -1.82
C SER A 348 -7.94 3.09 -2.65
N LEU A 349 -7.95 2.93 -3.97
CA LEU A 349 -7.72 3.97 -4.96
C LEU A 349 -9.00 4.12 -5.77
N PRO A 350 -9.34 5.33 -6.23
CA PRO A 350 -10.64 5.51 -6.88
C PRO A 350 -10.68 4.78 -8.22
N HIS A 351 -11.85 4.20 -8.52
CA HIS A 351 -12.12 3.57 -9.81
C HIS A 351 -12.95 4.50 -10.68
N ALA A 352 -13.31 4.01 -11.86
CA ALA A 352 -14.29 4.61 -12.76
C ALA A 352 -14.89 3.48 -13.57
N VAL A 353 -16.16 3.61 -13.96
CA VAL A 353 -16.73 2.54 -14.77
C VAL A 353 -16.28 2.70 -16.21
N THR A 354 -16.12 1.57 -16.89
CA THR A 354 -15.54 1.54 -18.23
C THR A 354 -16.57 1.77 -19.34
N CYS A 355 -17.85 1.81 -19.00
CA CYS A 355 -18.94 1.95 -19.97
C CYS A 355 -20.20 2.30 -19.18
N ASP A 356 -21.27 2.66 -19.90
CA ASP A 356 -22.56 2.79 -19.25
C ASP A 356 -22.97 1.44 -18.70
N ILE A 357 -23.38 1.40 -17.44
CA ILE A 357 -23.70 0.12 -16.80
C ILE A 357 -24.94 0.29 -15.95
N LYS A 358 -25.86 -0.66 -16.05
CA LYS A 358 -26.97 -0.74 -15.09
C LYS A 358 -26.48 -1.46 -13.84
N PHE A 359 -26.69 -0.84 -12.69
CA PHE A 359 -26.24 -1.38 -11.42
C PHE A 359 -27.37 -1.19 -10.42
N ARG A 360 -28.04 -2.28 -10.06
CA ARG A 360 -29.25 -2.23 -9.22
C ARG A 360 -30.22 -1.27 -9.90
N ASN A 361 -30.76 -0.26 -9.21
CA ASN A 361 -31.72 0.67 -9.80
C ASN A 361 -31.07 1.91 -10.36
N TYR A 362 -29.80 1.83 -10.74
CA TYR A 362 -29.09 3.01 -11.18
C TYR A 362 -28.51 2.79 -12.59
N LEU A 363 -28.29 3.90 -13.28
CA LEU A 363 -27.65 3.93 -14.59
C LEU A 363 -26.40 4.78 -14.44
N ILE A 364 -25.23 4.15 -14.46
CA ILE A 364 -23.96 4.85 -14.24
C ILE A 364 -23.29 5.07 -15.59
N PRO A 365 -23.10 6.31 -16.04
CA PRO A 365 -22.46 6.53 -17.34
C PRO A 365 -20.98 6.18 -17.31
N LYS A 366 -20.47 5.87 -18.51
CA LYS A 366 -19.04 5.66 -18.71
C LYS A 366 -18.23 6.79 -18.10
N GLY A 367 -17.23 6.42 -17.30
CA GLY A 367 -16.30 7.38 -16.76
C GLY A 367 -16.65 7.92 -15.39
N THR A 368 -17.80 7.57 -14.83
CA THR A 368 -18.15 8.06 -13.50
C THR A 368 -17.18 7.50 -12.46
N THR A 369 -16.68 8.36 -11.58
CA THR A 369 -15.78 7.93 -10.52
C THR A 369 -16.53 7.07 -9.50
N ILE A 370 -15.91 5.95 -9.13
CA ILE A 370 -16.42 5.02 -8.14
C ILE A 370 -15.44 5.03 -6.97
N LEU A 371 -15.95 5.20 -5.75
CA LEU A 371 -15.15 5.16 -4.54
C LEU A 371 -15.57 3.96 -3.71
N ILE A 372 -14.61 3.13 -3.32
CA ILE A 372 -14.90 1.86 -2.64
C ILE A 372 -14.55 2.03 -1.17
N SER A 373 -15.51 1.79 -0.28
CA SER A 373 -15.21 1.77 1.15
C SER A 373 -14.65 0.41 1.53
N LEU A 374 -13.32 0.30 1.57
CA LEU A 374 -12.71 -0.91 2.10
C LEU A 374 -12.91 -1.01 3.61
N THR A 375 -12.92 0.14 4.32
CA THR A 375 -13.23 0.13 5.75
C THR A 375 -14.52 -0.64 6.03
N SER A 376 -15.55 -0.40 5.23
CA SER A 376 -16.86 -0.98 5.45
C SER A 376 -16.83 -2.48 5.34
N VAL A 377 -15.82 -3.03 4.67
CA VAL A 377 -15.69 -4.48 4.51
C VAL A 377 -14.76 -5.04 5.57
N LEU A 378 -13.56 -4.46 5.68
CA LEU A 378 -12.59 -4.91 6.68
C LEU A 378 -13.12 -4.79 8.10
N HIS A 379 -14.03 -3.84 8.35
CA HIS A 379 -14.55 -3.61 9.69
C HIS A 379 -16.04 -3.90 9.79
N ASP A 380 -16.50 -4.87 8.99
CA ASP A 380 -17.87 -5.35 9.09
C ASP A 380 -18.08 -5.96 10.47
N ASN A 381 -19.07 -5.44 11.20
CA ASN A 381 -19.18 -5.85 12.59
C ASN A 381 -19.90 -7.18 12.75
N LYS A 382 -20.40 -7.75 11.66
CA LYS A 382 -20.93 -9.11 11.71
C LYS A 382 -19.84 -10.14 11.41
N GLU A 383 -19.03 -9.90 10.37
CA GLU A 383 -17.94 -10.82 10.05
C GLU A 383 -16.84 -10.76 11.10
N PHE A 384 -16.60 -9.58 11.67
CA PHE A 384 -15.51 -9.34 12.60
C PHE A 384 -16.10 -8.65 13.83
N PRO A 385 -16.73 -9.42 14.72
CA PRO A 385 -17.33 -8.79 15.91
C PRO A 385 -16.26 -8.01 16.68
N ASN A 386 -16.66 -6.85 17.19
CA ASN A 386 -15.73 -5.89 17.77
C ASN A 386 -14.61 -5.58 16.75
N PRO A 387 -14.98 -5.04 15.58
CA PRO A 387 -13.97 -4.80 14.53
C PRO A 387 -13.03 -3.66 14.87
N GLU A 388 -13.42 -2.78 15.78
CA GLU A 388 -12.51 -1.73 16.25
C GLU A 388 -11.38 -2.27 17.14
N MET A 389 -11.37 -3.56 17.47
CA MET A 389 -10.37 -4.12 18.37
C MET A 389 -9.36 -4.97 17.59
N PHE A 390 -8.09 -4.89 17.99
CA PHE A 390 -7.06 -5.75 17.40
C PHE A 390 -7.15 -7.13 18.05
N ASP A 391 -7.43 -8.14 17.25
CA ASP A 391 -7.70 -9.48 17.78
C ASP A 391 -7.37 -10.51 16.71
N PRO A 392 -6.24 -11.21 16.82
CA PRO A 392 -5.93 -12.26 15.86
C PRO A 392 -7.05 -13.28 15.70
N HIS A 393 -7.95 -13.42 16.70
CA HIS A 393 -9.04 -14.38 16.55
C HIS A 393 -10.12 -13.94 15.57
N HIS A 394 -10.04 -12.72 15.02
CA HIS A 394 -10.86 -12.43 13.84
C HIS A 394 -10.52 -13.34 12.66
N PHE A 395 -9.33 -13.96 12.66
CA PHE A 395 -8.93 -14.90 11.61
C PHE A 395 -8.61 -16.29 12.17
N LEU A 396 -9.26 -16.68 13.26
CA LEU A 396 -9.23 -18.04 13.78
C LEU A 396 -10.65 -18.52 14.04
N ASP A 397 -10.93 -19.78 13.73
CA ASP A 397 -12.25 -20.27 14.09
C ASP A 397 -12.28 -20.60 15.58
N GLU A 398 -13.40 -21.19 16.02
CA GLU A 398 -13.56 -21.50 17.44
C GLU A 398 -12.62 -22.62 17.89
N GLY A 399 -12.04 -23.38 16.97
CA GLY A 399 -11.01 -24.33 17.31
C GLY A 399 -9.59 -23.83 17.25
N GLY A 400 -9.37 -22.53 16.98
CA GLY A 400 -8.00 -22.04 16.88
C GLY A 400 -7.32 -22.27 15.56
N ASN A 401 -8.04 -22.79 14.56
CA ASN A 401 -7.52 -22.94 13.22
C ASN A 401 -7.60 -21.61 12.47
N PHE A 402 -6.72 -21.43 11.50
CA PHE A 402 -6.82 -20.22 10.69
C PHE A 402 -8.13 -20.21 9.92
N LYS A 403 -8.78 -19.06 9.87
CA LYS A 403 -10.08 -18.90 9.23
C LYS A 403 -9.97 -17.78 8.20
N LYS A 404 -9.98 -18.16 6.92
CA LYS A 404 -10.03 -17.21 5.81
C LYS A 404 -11.38 -16.49 5.78
N SER A 405 -11.34 -15.23 5.38
CA SER A 405 -12.57 -14.44 5.22
C SER A 405 -12.65 -13.88 3.81
N LYS A 406 -13.86 -13.95 3.22
CA LYS A 406 -14.19 -13.19 2.01
C LYS A 406 -14.15 -11.68 2.21
N TYR A 407 -14.17 -11.21 3.45
CA TYR A 407 -14.09 -9.79 3.79
C TYR A 407 -12.66 -9.30 3.95
N PHE A 408 -11.68 -10.16 3.73
CA PHE A 408 -10.27 -9.75 3.79
C PHE A 408 -9.95 -9.07 2.47
N MET A 409 -10.22 -7.77 2.39
CA MET A 409 -9.92 -7.05 1.15
C MET A 409 -8.95 -5.89 1.32
N PRO A 410 -7.82 -6.02 2.04
CA PRO A 410 -6.93 -4.86 2.21
C PRO A 410 -6.18 -4.51 0.92
N PHE A 411 -6.14 -5.43 -0.05
CA PHE A 411 -5.56 -5.19 -1.36
C PHE A 411 -6.63 -4.85 -2.39
N SER A 412 -7.86 -4.61 -1.92
CA SER A 412 -9.06 -4.39 -2.72
C SER A 412 -9.57 -5.71 -3.28
N ALA A 413 -10.30 -5.64 -4.39
CA ALA A 413 -11.00 -6.80 -4.94
C ALA A 413 -11.22 -6.59 -6.42
N GLY A 414 -11.50 -7.70 -7.11
CA GLY A 414 -11.77 -7.64 -8.54
C GLY A 414 -10.52 -7.49 -9.40
N LYS A 415 -10.76 -6.96 -10.61
CA LYS A 415 -9.74 -6.87 -11.64
C LYS A 415 -8.59 -5.93 -11.29
N ARG A 416 -8.82 -4.91 -10.46
CA ARG A 416 -7.76 -4.00 -10.07
C ARG A 416 -7.10 -4.39 -8.74
N ILE A 417 -7.40 -5.58 -8.19
CA ILE A 417 -6.75 -6.01 -6.95
C ILE A 417 -5.25 -5.79 -7.06
N CYS A 418 -4.66 -5.33 -5.96
CA CYS A 418 -3.24 -5.00 -5.92
C CYS A 418 -2.42 -6.04 -6.66
N VAL A 419 -1.65 -5.59 -7.65
CA VAL A 419 -0.85 -6.55 -8.38
C VAL A 419 0.31 -7.08 -7.54
N GLY A 420 0.62 -6.42 -6.43
CA GLY A 420 1.67 -6.88 -5.55
C GLY A 420 1.16 -7.67 -4.37
N GLU A 421 -0.07 -8.19 -4.44
CA GLU A 421 -0.66 -8.84 -3.27
C GLU A 421 0.22 -9.97 -2.76
N ALA A 422 0.67 -10.85 -3.66
CA ALA A 422 1.48 -11.99 -3.25
C ALA A 422 2.84 -11.51 -2.71
N LEU A 423 3.48 -10.58 -3.41
CA LEU A 423 4.76 -10.03 -2.98
C LEU A 423 4.65 -9.34 -1.62
N ALA A 424 3.64 -8.48 -1.44
CA ALA A 424 3.44 -7.86 -0.13
C ALA A 424 3.23 -8.89 0.97
N GLY A 425 2.41 -9.90 0.73
CA GLY A 425 2.22 -10.96 1.73
C GLY A 425 3.52 -11.64 2.10
N MET A 426 4.39 -11.87 1.11
CA MET A 426 5.70 -12.45 1.39
C MET A 426 6.53 -11.54 2.28
N GLU A 427 6.58 -10.25 1.94
CA GLU A 427 7.39 -9.32 2.72
C GLU A 427 6.87 -9.23 4.14
N LEU A 428 5.55 -9.13 4.32
CA LEU A 428 5.01 -9.05 5.67
C LEU A 428 5.35 -10.31 6.46
N PHE A 429 5.12 -11.49 5.89
CA PHE A 429 5.36 -12.73 6.65
C PHE A 429 6.85 -12.96 6.89
N LEU A 430 7.67 -12.81 5.86
CA LEU A 430 9.09 -13.12 6.02
C LEU A 430 9.81 -12.07 6.88
N PHE A 431 9.46 -10.79 6.74
CA PHE A 431 10.16 -9.78 7.54
C PHE A 431 9.74 -9.83 8.99
N LEU A 432 8.44 -9.99 9.25
CA LEU A 432 7.98 -9.99 10.63
C LEU A 432 8.47 -11.23 11.37
N THR A 433 8.41 -12.40 10.73
CA THR A 433 8.91 -13.61 11.38
C THR A 433 10.43 -13.56 11.57
N SER A 434 11.16 -13.00 10.60
CA SER A 434 12.60 -12.89 10.74
C SER A 434 12.97 -11.97 11.89
N ILE A 435 12.31 -10.82 11.99
CA ILE A 435 12.53 -9.92 13.13
C ILE A 435 12.25 -10.65 14.44
N LEU A 436 11.08 -11.29 14.54
CA LEU A 436 10.70 -11.90 15.81
C LEU A 436 11.45 -13.20 16.08
N GLN A 437 12.07 -13.79 15.06
CA GLN A 437 12.95 -14.93 15.27
C GLN A 437 14.25 -14.52 15.94
N ASN A 438 14.67 -13.26 15.74
CA ASN A 438 15.99 -12.81 16.15
C ASN A 438 15.99 -11.80 17.28
N PHE A 439 14.84 -11.20 17.59
CA PHE A 439 14.81 -10.08 18.52
C PHE A 439 13.58 -10.19 19.41
N ASN A 440 13.74 -9.75 20.65
CA ASN A 440 12.59 -9.38 21.45
C ASN A 440 12.38 -7.89 21.28
N LEU A 441 11.12 -7.47 21.32
CA LEU A 441 10.76 -6.07 21.16
C LEU A 441 10.49 -5.50 22.55
N LYS A 442 11.24 -4.48 22.94
CA LYS A 442 11.04 -3.82 24.22
C LYS A 442 10.54 -2.41 23.97
N SER A 443 9.39 -2.10 24.53
CA SER A 443 8.85 -0.76 24.46
C SER A 443 9.37 0.06 25.63
N LEU A 444 9.78 1.30 25.34
CA LEU A 444 10.06 2.26 26.41
C LEU A 444 8.81 2.50 27.25
N VAL A 445 7.71 2.84 26.58
CA VAL A 445 6.43 3.01 27.24
C VAL A 445 5.94 1.67 27.79
N ASP A 446 5.25 1.71 28.91
CA ASP A 446 4.49 0.54 29.32
C ASP A 446 3.37 0.31 28.31
N PRO A 447 3.18 -0.92 27.82
CA PRO A 447 2.16 -1.16 26.79
C PRO A 447 0.81 -0.53 27.08
N LYS A 448 0.37 -0.52 28.34
CA LYS A 448 -0.96 0.00 28.67
C LYS A 448 -1.08 1.49 28.35
N ASN A 449 0.02 2.24 28.39
CA ASN A 449 0.01 3.67 28.12
C ASN A 449 0.48 4.00 26.71
N LEU A 450 0.74 2.98 25.89
CA LEU A 450 1.26 3.20 24.54
C LEU A 450 0.12 3.64 23.62
N ASP A 451 0.29 4.79 22.97
CA ASP A 451 -0.74 5.36 22.13
C ASP A 451 -0.67 4.76 20.72
N THR A 452 -1.78 4.22 20.24
CA THR A 452 -1.82 3.66 18.89
C THR A 452 -2.75 4.43 17.96
N THR A 453 -3.23 5.59 18.36
CA THR A 453 -4.14 6.36 17.53
C THR A 453 -3.46 6.79 16.24
N PRO A 454 -4.03 6.51 15.07
CA PRO A 454 -3.39 6.92 13.80
C PRO A 454 -3.25 8.43 13.71
N VAL A 455 -2.32 8.88 12.87
CA VAL A 455 -2.17 10.30 12.61
C VAL A 455 -2.85 10.63 11.29
N VAL A 456 -3.22 11.91 11.16
CA VAL A 456 -3.99 12.34 10.01
C VAL A 456 -3.15 12.22 8.75
N ASN A 457 -3.77 11.69 7.68
CA ASN A 457 -3.11 11.51 6.40
C ASN A 457 -4.21 11.47 5.33
N GLY A 458 -3.91 12.01 4.15
CA GLY A 458 -4.95 12.14 3.14
C GLY A 458 -5.31 10.87 2.41
N PHE A 459 -4.43 9.88 2.41
CA PHE A 459 -4.63 8.62 1.67
C PHE A 459 -4.69 7.38 2.55
N ALA A 460 -3.90 7.31 3.62
CA ALA A 460 -3.66 6.04 4.31
C ALA A 460 -3.79 6.18 5.82
N SER A 461 -4.07 5.05 6.49
CA SER A 461 -3.96 4.97 7.94
C SER A 461 -2.49 4.85 8.33
N VAL A 462 -2.00 5.82 9.08
CA VAL A 462 -0.58 5.96 9.40
C VAL A 462 -0.43 5.86 10.92
N PRO A 463 0.50 5.06 11.42
CA PRO A 463 0.63 4.91 12.88
C PRO A 463 1.31 6.11 13.50
N PRO A 464 1.10 6.36 14.79
CA PRO A 464 1.83 7.45 15.46
C PRO A 464 3.31 7.10 15.59
N PHE A 465 4.08 8.12 15.97
CA PHE A 465 5.50 7.93 16.28
C PHE A 465 5.67 7.04 17.50
N TYR A 466 6.69 6.19 17.46
CA TYR A 466 7.04 5.33 18.58
C TYR A 466 8.48 4.89 18.41
N GLN A 467 9.14 4.58 19.53
CA GLN A 467 10.46 3.98 19.51
C GLN A 467 10.41 2.63 20.23
N LEU A 468 11.42 1.80 19.97
CA LEU A 468 11.50 0.49 20.59
C LEU A 468 12.95 0.03 20.54
N CYS A 469 13.27 -0.93 21.41
CA CYS A 469 14.56 -1.62 21.37
C CYS A 469 14.40 -2.98 20.72
N PHE A 470 15.30 -3.30 19.81
CA PHE A 470 15.41 -4.64 19.22
C PHE A 470 16.47 -5.38 20.03
N ILE A 471 16.04 -6.26 20.93
CA ILE A 471 16.94 -6.91 21.87
C ILE A 471 17.26 -8.30 21.31
N PRO A 472 18.50 -8.56 20.89
CA PRO A 472 18.83 -9.85 20.26
C PRO A 472 18.48 -11.03 21.14
N ILE A 473 18.16 -12.14 20.50
CA ILE A 473 17.95 -13.41 21.19
C ILE A 473 19.23 -14.23 21.16
#